data_2F1Q
#
_entry.id   2F1Q
#
_cell.length_a   1.000
_cell.length_b   1.000
_cell.length_c   1.000
_cell.angle_alpha   90.00
_cell.angle_beta   90.00
_cell.angle_gamma   90.00
#
_symmetry.space_group_name_H-M   'P 1'
#
loop_
_entity.id
_entity.type
_entity.pdbx_description
1 polymer 42-MER
2 non-polymer 'COBALT HEXAMMINE(III)'
#
_entity_poly.entity_id   1
_entity_poly.type   'polydeoxyribonucleotide'
_entity_poly.pdbx_seq_one_letter_code
;(DG)(DC)(DA)(DC)(DT)(DG)(DC)(DA)(DT)(DC)(DC)(DT)(DT)(DG)(DG)(DA)(DC)(DG)(DC)(DT)
(DT)(DG)(DC)(DG)(DC)(DC)(DA)(DC)(DT)(DT)(DG)(DT)(DG)(DG)(DT)(DG)(DC)(DA)(DG)(DT)
(DG)(DC)
;
_entity_poly.pdbx_strand_id   A
#